data_4YFV
#
_entry.id   4YFV
#
_cell.length_a   132.962
_cell.length_b   132.962
_cell.length_c   159.411
_cell.angle_alpha   90.00
_cell.angle_beta   90.00
_cell.angle_gamma   120.00
#
_symmetry.space_group_name_H-M   'H 3 2'
#
loop_
_entity.id
_entity.type
_entity.pdbx_description
1 polymer VioF
2 non-polymer 1,2-ETHANEDIOL
3 non-polymer 'CHLORIDE ION'
4 water water
#
_entity_poly.entity_id   1
_entity_poly.type   'polypeptide(L)'
_entity_poly.pdbx_seq_one_letter_code
;MKKILVISDNYQLVSYIKNLYLSNEEWSKELFIDYSYSSINRNPQSLIELGMTEIDIKNKNLNELNDYHLIISAHCKQIF
PAHIVNNKLCINIHPGLNPYNRGWFPQVFSILNKKPIGATIHKMDSEVDHGEIYCQEEVSILSHETSIDIYNKVIELEKK
LIKNNLLKIINNELQPKLPSQEGNYNSIQDFNKLCKLNLEDNGSLREHIDLLRALTHGDFKNAYFYDENNTKVFVKIELS
LSQELESAHHHHHH
;
_entity_poly.pdbx_strand_id   A,B
#
# COMPACT_ATOMS: atom_id res chain seq x y z
N MET A 1 35.33 35.64 -13.04
CA MET A 1 34.35 34.88 -12.22
C MET A 1 33.01 35.11 -12.90
N LYS A 2 32.00 34.35 -12.50
CA LYS A 2 30.68 34.44 -13.10
C LYS A 2 29.64 34.44 -12.02
N LYS A 3 28.54 35.15 -12.27
CA LYS A 3 27.45 35.13 -11.32
C LYS A 3 26.36 34.24 -11.92
N ILE A 4 25.81 33.33 -11.10
CA ILE A 4 24.82 32.32 -11.50
C ILE A 4 23.56 32.45 -10.61
N LEU A 5 22.41 32.27 -11.27
CA LEU A 5 21.13 32.18 -10.60
C LEU A 5 20.56 30.78 -10.70
N VAL A 6 20.29 30.17 -9.55
CA VAL A 6 19.62 28.90 -9.49
C VAL A 6 18.21 29.14 -9.01
N ILE A 7 17.23 28.75 -9.83
CA ILE A 7 15.84 28.80 -9.37
C ILE A 7 15.32 27.37 -9.22
N SER A 8 14.88 27.04 -8.01
CA SER A 8 14.50 25.70 -7.78
C SER A 8 13.50 25.64 -6.64
N ASP A 9 12.58 24.70 -6.74
CA ASP A 9 11.75 24.32 -5.64
C ASP A 9 12.03 22.91 -5.10
N ASN A 10 13.19 22.37 -5.42
CA ASN A 10 13.51 21.07 -4.92
C ASN A 10 14.71 21.16 -3.99
N TYR A 11 14.43 20.83 -2.74
CA TYR A 11 15.45 20.83 -1.68
C TYR A 11 16.66 20.00 -2.02
N GLN A 12 16.44 18.77 -2.47
CA GLN A 12 17.52 17.84 -2.67
C GLN A 12 18.47 18.38 -3.73
N LEU A 13 17.95 18.91 -4.83
CA LEU A 13 18.83 19.47 -5.86
C LEU A 13 19.57 20.73 -5.42
N VAL A 14 18.91 21.66 -4.75
CA VAL A 14 19.52 22.90 -4.27
C VAL A 14 20.57 22.54 -3.23
N SER A 15 20.24 21.65 -2.30
CA SER A 15 21.20 21.26 -1.24
C SER A 15 22.40 20.58 -1.85
N TYR A 16 22.23 19.82 -2.94
CA TYR A 16 23.31 19.21 -3.64
C TYR A 16 24.23 20.20 -4.28
N ILE A 17 23.66 21.16 -4.98
CA ILE A 17 24.47 22.19 -5.60
C ILE A 17 25.26 23.01 -4.58
N LYS A 18 24.63 23.29 -3.44
CA LYS A 18 25.28 24.05 -2.36
C LYS A 18 26.46 23.26 -1.84
N ASN A 19 26.28 21.97 -1.69
CA ASN A 19 27.30 21.09 -1.17
C ASN A 19 28.48 20.86 -2.09
N LEU A 20 28.22 20.81 -3.40
CA LEU A 20 29.33 20.82 -4.35
C LEU A 20 30.12 22.10 -4.33
N TYR A 21 29.41 23.23 -4.29
CA TYR A 21 30.10 24.52 -4.15
C TYR A 21 31.01 24.54 -2.92
N LEU A 22 30.46 24.09 -1.80
CA LEU A 22 31.23 24.07 -0.56
C LEU A 22 32.41 23.12 -0.60
N SER A 23 32.41 22.14 -1.48
CA SER A 23 33.37 21.04 -1.40
C SER A 23 34.30 21.03 -2.62
N ASN A 24 34.13 21.95 -3.55
CA ASN A 24 34.93 21.93 -4.75
C ASN A 24 35.50 23.32 -4.96
N GLU A 25 36.80 23.48 -4.73
CA GLU A 25 37.42 24.79 -4.93
C GLU A 25 37.21 25.39 -6.31
N GLU A 26 37.17 24.55 -7.34
CA GLU A 26 36.86 25.00 -8.68
C GLU A 26 35.55 25.77 -8.82
N TRP A 27 34.56 25.40 -8.01
CA TRP A 27 33.29 26.11 -8.00
C TRP A 27 33.43 27.47 -7.27
N SER A 28 33.95 27.42 -6.05
CA SER A 28 34.04 28.59 -5.19
C SER A 28 35.01 29.65 -5.72
N LYS A 29 35.99 29.21 -6.50
CA LYS A 29 36.90 30.18 -7.07
C LYS A 29 36.33 30.88 -8.32
N GLU A 30 35.46 30.20 -9.07
CA GLU A 30 34.89 30.75 -10.31
C GLU A 30 33.50 31.42 -10.17
N LEU A 31 32.71 31.08 -9.15
CA LEU A 31 31.29 31.38 -9.19
C LEU A 31 30.74 32.13 -7.99
N PHE A 32 29.85 33.09 -8.22
CA PHE A 32 28.94 33.58 -7.18
C PHE A 32 27.59 33.03 -7.58
N ILE A 33 26.87 32.42 -6.63
CA ILE A 33 25.65 31.67 -6.92
C ILE A 33 24.56 32.24 -6.04
N ASP A 34 23.48 32.75 -6.65
CA ASP A 34 22.27 33.15 -5.97
C ASP A 34 21.29 31.99 -6.16
N TYR A 35 20.54 31.70 -5.13
CA TYR A 35 19.50 30.68 -5.10
C TYR A 35 18.15 31.25 -4.73
N SER A 36 17.12 30.96 -5.52
CA SER A 36 15.77 31.40 -5.26
C SER A 36 14.75 30.28 -5.44
N TYR A 37 13.71 30.27 -4.64
CA TYR A 37 12.53 29.45 -4.89
C TYR A 37 11.42 30.26 -5.54
N SER A 38 10.41 29.56 -6.05
CA SER A 38 9.29 30.20 -6.72
C SER A 38 8.28 30.85 -5.81
N SER A 39 7.76 32.03 -6.19
CA SER A 39 6.79 32.72 -5.33
C SER A 39 5.51 31.94 -5.08
N ILE A 40 5.17 31.10 -6.04
CA ILE A 40 4.06 30.15 -6.09
C ILE A 40 4.19 28.94 -5.14
N ASN A 41 5.36 28.77 -4.54
CA ASN A 41 5.63 27.63 -3.69
C ASN A 41 4.88 27.84 -2.38
N ARG A 42 3.94 26.93 -2.14
CA ARG A 42 3.00 27.08 -1.00
C ARG A 42 3.62 26.70 0.32
N ASN A 43 4.77 26.03 0.25
CA ASN A 43 5.48 25.55 1.41
C ASN A 43 7.01 25.64 1.27
N PRO A 44 7.57 26.85 1.19
CA PRO A 44 8.99 27.04 0.95
C PRO A 44 9.82 26.92 2.20
N GLN A 45 9.22 26.57 3.33
CA GLN A 45 9.93 26.71 4.59
C GLN A 45 11.30 26.03 4.66
N SER A 46 11.42 24.80 4.15
CA SER A 46 12.69 24.09 4.14
CA SER A 46 12.72 24.14 4.19
C SER A 46 13.71 24.75 3.22
N LEU A 47 13.21 25.36 2.17
CA LEU A 47 14.06 26.10 1.23
C LEU A 47 14.59 27.38 1.89
N ILE A 48 13.76 28.01 2.71
CA ILE A 48 14.16 29.24 3.39
C ILE A 48 15.29 28.87 4.35
N GLU A 49 15.10 27.71 4.97
CA GLU A 49 16.03 27.21 5.96
C GLU A 49 17.40 27.01 5.30
N LEU A 50 17.31 26.52 4.05
CA LEU A 50 18.47 26.24 3.21
C LEU A 50 19.29 27.42 2.77
N GLY A 51 18.71 28.62 2.75
CA GLY A 51 19.41 29.82 2.30
C GLY A 51 18.97 30.09 0.86
N MET A 52 17.82 30.74 0.70
CA MET A 52 17.18 31.00 -0.59
C MET A 52 16.19 32.16 -0.43
N THR A 53 16.03 32.98 -1.48
CA THR A 53 15.07 34.07 -1.53
C THR A 53 13.98 33.72 -2.53
N GLU A 54 12.80 34.28 -2.34
CA GLU A 54 11.70 34.15 -3.30
C GLU A 54 11.96 34.90 -4.62
N ILE A 55 11.54 34.32 -5.73
CA ILE A 55 11.62 34.95 -7.05
C ILE A 55 10.32 34.64 -7.76
N ASP A 56 9.82 35.61 -8.52
CA ASP A 56 8.69 35.38 -9.42
C ASP A 56 9.16 35.53 -10.87
N ILE A 57 9.54 34.41 -11.49
CA ILE A 57 10.24 34.48 -12.75
C ILE A 57 9.26 34.86 -13.85
N LYS A 58 7.96 34.67 -13.59
CA LYS A 58 6.92 35.02 -14.51
C LYS A 58 6.83 36.55 -14.60
N ASN A 59 7.13 37.27 -13.52
CA ASN A 59 7.04 38.74 -13.62
C ASN A 59 8.33 39.46 -13.39
N LYS A 60 9.40 38.71 -13.14
CA LYS A 60 10.70 39.27 -13.04
C LYS A 60 11.07 40.05 -14.29
N ASN A 61 11.53 41.27 -14.09
CA ASN A 61 11.97 42.03 -15.23
C ASN A 61 13.38 41.67 -15.68
N LEU A 62 13.55 41.62 -16.99
CA LEU A 62 14.79 41.21 -17.59
C LEU A 62 15.97 42.08 -17.17
N ASN A 63 15.66 43.31 -16.78
CA ASN A 63 16.73 44.24 -16.47
C ASN A 63 17.32 43.94 -15.10
N GLU A 64 16.51 43.35 -14.24
CA GLU A 64 17.09 42.91 -12.99
C GLU A 64 18.01 41.65 -13.11
N LEU A 65 18.21 41.11 -14.30
CA LEU A 65 18.91 39.81 -14.44
C LEU A 65 20.19 39.94 -15.26
N ASN A 66 20.60 41.18 -15.54
CA ASN A 66 21.78 41.36 -16.40
C ASN A 66 23.07 40.80 -15.87
N ASP A 67 23.29 40.71 -14.55
CA ASP A 67 24.53 40.25 -13.95
C ASP A 67 24.78 38.76 -14.18
N TYR A 68 23.69 38.00 -14.34
CA TYR A 68 23.81 36.56 -14.47
C TYR A 68 24.32 36.12 -15.83
N HIS A 69 25.42 35.37 -15.80
CA HIS A 69 25.89 34.67 -16.95
C HIS A 69 24.86 33.66 -17.46
N LEU A 70 24.25 32.94 -16.53
CA LEU A 70 23.19 31.99 -16.91
C LEU A 70 22.28 31.74 -15.70
N ILE A 71 21.12 31.17 -15.97
CA ILE A 71 20.14 30.83 -14.97
C ILE A 71 19.94 29.32 -15.12
N ILE A 72 19.93 28.66 -13.98
CA ILE A 72 19.62 27.23 -13.88
C ILE A 72 18.26 27.05 -13.24
N SER A 73 17.43 26.23 -13.87
CA SER A 73 16.11 25.83 -13.41
C SER A 73 16.26 24.42 -12.91
N ALA A 74 15.86 24.17 -11.68
CA ALA A 74 15.95 22.82 -11.16
C ALA A 74 14.61 22.50 -10.53
N HIS A 75 13.63 22.05 -11.31
CA HIS A 75 12.31 21.67 -10.79
C HIS A 75 11.68 22.93 -10.18
N CYS A 76 11.71 23.98 -11.00
CA CYS A 76 11.10 25.25 -10.64
C CYS A 76 9.63 25.01 -10.94
N LYS A 77 8.76 25.29 -9.98
CA LYS A 77 7.32 25.06 -10.16
C LYS A 77 6.64 26.01 -11.16
N GLN A 78 7.15 27.23 -11.30
CA GLN A 78 6.75 28.19 -12.34
C GLN A 78 7.46 27.89 -13.63
N ILE A 79 6.72 28.03 -14.72
CA ILE A 79 7.29 27.96 -16.07
C ILE A 79 7.97 29.29 -16.38
N PHE A 80 9.16 29.22 -16.96
CA PHE A 80 9.87 30.40 -17.41
C PHE A 80 9.17 30.98 -18.62
N PRO A 81 8.85 32.28 -18.61
CA PRO A 81 8.31 32.88 -19.83
C PRO A 81 9.26 32.80 -21.01
N ALA A 82 8.75 32.74 -22.23
CA ALA A 82 9.62 32.80 -23.43
C ALA A 82 10.64 33.93 -23.45
N HIS A 83 10.30 35.11 -22.95
CA HIS A 83 11.22 36.23 -23.07
C HIS A 83 12.46 36.02 -22.22
N ILE A 84 12.30 35.31 -21.12
CA ILE A 84 13.41 35.03 -20.24
C ILE A 84 14.34 34.03 -20.96
N VAL A 85 13.79 32.95 -21.50
CA VAL A 85 14.64 31.90 -22.06
C VAL A 85 15.30 32.35 -23.36
N ASN A 86 14.62 33.22 -24.09
CA ASN A 86 15.14 33.71 -25.34
C ASN A 86 16.15 34.83 -25.15
N ASN A 87 16.21 35.44 -23.99
CA ASN A 87 17.16 36.51 -23.76
C ASN A 87 18.22 36.28 -22.68
N LYS A 88 18.12 35.15 -21.98
CA LYS A 88 19.13 34.74 -21.01
C LYS A 88 19.38 33.27 -21.30
N LEU A 89 20.64 32.87 -21.22
CA LEU A 89 20.97 31.42 -21.21
C LEU A 89 20.43 30.75 -19.94
N CYS A 90 19.44 29.90 -20.16
CA CYS A 90 18.75 29.15 -19.14
C CYS A 90 18.90 27.67 -19.42
N ILE A 91 19.22 26.98 -18.34
CA ILE A 91 19.58 25.58 -18.37
C ILE A 91 18.65 24.88 -17.39
N ASN A 92 17.98 23.84 -17.89
CA ASN A 92 17.03 23.06 -17.11
C ASN A 92 17.54 21.69 -16.71
N ILE A 93 17.36 21.39 -15.42
CA ILE A 93 17.71 20.09 -14.89
C ILE A 93 16.40 19.36 -14.77
N HIS A 94 16.18 18.40 -15.68
CA HIS A 94 14.89 17.80 -15.91
C HIS A 94 14.84 16.33 -15.52
N PRO A 95 13.84 15.93 -14.74
CA PRO A 95 13.73 14.56 -14.31
C PRO A 95 12.93 13.68 -15.28
N GLY A 96 13.36 13.67 -16.53
CA GLY A 96 12.85 12.84 -17.62
C GLY A 96 14.02 12.68 -18.62
N LEU A 97 13.94 11.67 -19.45
CA LEU A 97 14.80 11.48 -20.62
C LEU A 97 14.19 12.14 -21.84
N ASN A 98 14.57 13.38 -22.13
CA ASN A 98 14.04 14.11 -23.25
C ASN A 98 14.47 13.38 -24.49
N PRO A 99 13.61 13.37 -25.51
CA PRO A 99 12.30 14.03 -25.67
C PRO A 99 11.07 13.25 -25.25
N TYR A 100 11.28 12.17 -24.52
CA TYR A 100 10.24 11.23 -24.13
C TYR A 100 9.54 11.67 -22.85
N ASN A 101 8.22 11.72 -22.88
CA ASN A 101 7.45 12.17 -21.71
C ASN A 101 7.94 13.47 -21.12
N ARG A 102 8.18 14.43 -21.99
CA ARG A 102 8.39 15.80 -21.62
C ARG A 102 7.21 16.29 -20.76
N GLY A 103 7.43 17.35 -20.00
CA GLY A 103 6.37 17.88 -19.15
C GLY A 103 6.33 17.18 -17.80
N TRP A 104 5.14 17.05 -17.26
CA TRP A 104 4.90 16.69 -15.88
C TRP A 104 5.06 15.17 -15.60
N PHE A 105 5.72 14.91 -14.50
CA PHE A 105 5.84 13.57 -13.90
C PHE A 105 6.31 12.49 -14.92
N PRO A 106 7.45 12.71 -15.59
CA PRO A 106 7.87 11.79 -16.62
C PRO A 106 7.82 10.33 -16.21
N GLN A 107 8.19 9.99 -14.96
CA GLN A 107 8.25 8.59 -14.58
C GLN A 107 6.84 7.97 -14.50
N VAL A 108 5.83 8.74 -14.11
CA VAL A 108 4.46 8.20 -14.15
C VAL A 108 4.14 7.69 -15.56
N PHE A 109 4.37 8.59 -16.52
CA PHE A 109 3.99 8.28 -17.88
C PHE A 109 4.81 7.15 -18.45
N SER A 110 6.07 7.10 -18.04
CA SER A 110 6.94 6.03 -18.55
C SER A 110 6.54 4.68 -18.00
N ILE A 111 6.07 4.61 -16.76
CA ILE A 111 5.58 3.33 -16.24
C ILE A 111 4.39 2.86 -17.10
N LEU A 112 3.57 3.79 -17.57
CA LEU A 112 2.36 3.45 -18.35
C LEU A 112 2.65 3.18 -19.82
N ASN A 113 3.46 4.02 -20.47
CA ASN A 113 3.63 3.92 -21.91
C ASN A 113 4.97 3.31 -22.33
N LYS A 114 5.84 3.04 -21.37
CA LYS A 114 7.08 2.28 -21.59
C LYS A 114 8.11 3.06 -22.42
N LYS A 115 7.93 4.37 -22.63
CA LYS A 115 8.98 5.19 -23.20
C LYS A 115 10.13 5.43 -22.21
N PRO A 116 11.35 5.67 -22.69
CA PRO A 116 12.50 5.78 -21.79
C PRO A 116 12.28 6.81 -20.69
N ILE A 117 12.96 6.60 -19.57
CA ILE A 117 12.89 7.45 -18.39
C ILE A 117 14.33 7.66 -17.97
N GLY A 118 14.60 8.77 -17.30
CA GLY A 118 15.99 9.15 -17.00
C GLY A 118 16.02 10.59 -16.62
N ALA A 119 17.18 11.21 -16.82
CA ALA A 119 17.39 12.61 -16.49
C ALA A 119 18.14 13.30 -17.60
N THR A 120 17.88 14.60 -17.75
CA THR A 120 18.39 15.42 -18.81
C THR A 120 18.76 16.84 -18.35
N ILE A 121 19.91 17.34 -18.76
CA ILE A 121 20.24 18.74 -18.58
C ILE A 121 20.28 19.28 -19.99
N HIS A 122 19.48 20.31 -20.20
CA HIS A 122 19.23 20.84 -21.55
C HIS A 122 19.05 22.37 -21.47
N LYS A 123 19.34 23.00 -22.59
CA LYS A 123 19.09 24.42 -22.80
C LYS A 123 17.57 24.63 -22.85
N MET A 124 17.07 25.72 -22.31
CA MET A 124 15.61 25.93 -22.39
C MET A 124 15.32 26.77 -23.61
N ASP A 125 14.34 26.35 -24.39
CA ASP A 125 13.90 27.21 -25.50
C ASP A 125 12.47 27.54 -25.13
N SER A 126 11.72 28.16 -26.01
CA SER A 126 10.37 28.59 -25.62
C SER A 126 9.37 27.41 -25.50
N GLU A 127 9.77 26.20 -25.83
CA GLU A 127 8.87 25.07 -25.65
C GLU A 127 9.27 24.32 -24.37
N VAL A 128 8.32 23.69 -23.68
CA VAL A 128 8.66 22.89 -22.50
C VAL A 128 9.57 21.68 -22.73
N ASP A 129 10.72 21.64 -22.07
CA ASP A 129 11.57 20.45 -22.06
C ASP A 129 11.90 20.03 -23.47
N HIS A 130 12.36 21.03 -24.21
CA HIS A 130 12.51 20.90 -25.64
C HIS A 130 13.86 21.35 -26.22
N GLY A 131 14.66 22.15 -25.53
CA GLY A 131 15.93 22.65 -26.08
C GLY A 131 17.06 21.61 -26.18
N GLU A 132 18.19 22.09 -26.68
CA GLU A 132 19.37 21.28 -26.96
C GLU A 132 19.93 20.64 -25.69
N ILE A 133 20.31 19.36 -25.77
CA ILE A 133 20.64 18.52 -24.61
C ILE A 133 22.16 18.54 -24.35
N TYR A 134 22.60 18.94 -23.17
CA TYR A 134 24.03 18.83 -22.81
C TYR A 134 24.45 17.37 -22.47
N CYS A 135 23.57 16.73 -21.70
CA CYS A 135 23.87 15.41 -21.16
C CYS A 135 22.62 14.78 -20.59
N GLN A 136 22.54 13.46 -20.63
CA GLN A 136 21.34 12.82 -20.08
C GLN A 136 21.74 11.36 -19.94
N GLU A 137 20.90 10.64 -19.21
CA GLU A 137 21.18 9.25 -18.92
C GLU A 137 19.84 8.58 -18.59
N GLU A 138 19.72 7.34 -19.05
CA GLU A 138 18.57 6.50 -18.82
C GLU A 138 18.60 5.81 -17.46
N VAL A 139 17.45 5.63 -16.81
CA VAL A 139 17.38 4.67 -15.70
C VAL A 139 16.36 3.58 -16.09
N SER A 140 16.36 2.45 -15.38
CA SER A 140 15.48 1.33 -15.68
C SER A 140 14.24 1.45 -14.79
N ILE A 141 13.16 0.80 -15.19
CA ILE A 141 11.96 0.57 -14.34
C ILE A 141 11.85 -0.94 -14.12
N LEU A 142 11.99 -1.37 -12.88
CA LEU A 142 11.93 -2.78 -12.48
C LEU A 142 10.50 -3.08 -12.07
N SER A 143 10.22 -4.37 -12.03
CA SER A 143 8.84 -4.84 -11.92
C SER A 143 8.15 -4.50 -10.60
N HIS A 144 8.89 -4.20 -9.53
CA HIS A 144 8.36 -3.94 -8.19
C HIS A 144 8.31 -2.44 -7.84
N GLU A 145 8.66 -1.59 -8.80
CA GLU A 145 8.88 -0.17 -8.58
C GLU A 145 7.66 0.67 -8.86
N THR A 146 7.46 1.66 -8.01
CA THR A 146 6.40 2.67 -8.16
C THR A 146 7.01 3.96 -8.66
N SER A 147 6.16 4.96 -8.85
CA SER A 147 6.53 6.30 -9.24
C SER A 147 7.58 6.87 -8.32
N ILE A 148 7.41 6.70 -7.02
CA ILE A 148 8.38 7.25 -6.11
C ILE A 148 9.72 6.52 -6.23
N ASP A 149 9.76 5.20 -6.41
CA ASP A 149 11.05 4.54 -6.60
C ASP A 149 11.84 5.09 -7.83
N ILE A 150 11.14 5.30 -8.93
CA ILE A 150 11.79 5.69 -10.19
C ILE A 150 12.23 7.15 -10.07
N TYR A 151 11.39 7.97 -9.44
CA TYR A 151 11.66 9.39 -9.11
C TYR A 151 12.95 9.52 -8.29
N ASN A 152 13.07 8.79 -7.20
CA ASN A 152 14.32 8.75 -6.44
C ASN A 152 15.53 8.32 -7.27
N LYS A 153 15.41 7.33 -8.15
CA LYS A 153 16.53 6.97 -9.02
C LYS A 153 16.84 8.16 -9.95
N VAL A 154 15.83 8.85 -10.44
CA VAL A 154 15.99 9.99 -11.34
C VAL A 154 16.71 11.10 -10.60
N ILE A 155 16.31 11.35 -9.35
CA ILE A 155 16.94 12.43 -8.60
C ILE A 155 18.42 12.09 -8.41
N GLU A 156 18.72 10.84 -8.07
CA GLU A 156 20.11 10.38 -7.89
C GLU A 156 20.93 10.64 -9.17
N LEU A 157 20.30 10.38 -10.32
CA LEU A 157 20.97 10.58 -11.58
C LEU A 157 21.16 12.07 -11.94
N GLU A 158 20.19 12.90 -11.57
CA GLU A 158 20.36 14.35 -11.75
C GLU A 158 21.58 14.86 -10.97
N LYS A 159 21.67 14.41 -9.72
CA LYS A 159 22.88 14.70 -8.94
C LYS A 159 24.21 14.30 -9.62
N LYS A 160 24.24 13.11 -10.18
CA LYS A 160 25.44 12.66 -10.88
C LYS A 160 25.69 13.48 -12.13
N LEU A 161 24.64 13.86 -12.85
CA LEU A 161 24.84 14.71 -14.03
C LEU A 161 25.34 16.10 -13.68
N ILE A 162 24.80 16.70 -12.64
CA ILE A 162 25.27 17.99 -12.19
C ILE A 162 26.76 17.82 -11.79
N LYS A 163 27.01 16.81 -10.98
CA LYS A 163 28.35 16.62 -10.43
C LYS A 163 29.39 16.47 -11.52
N ASN A 164 29.04 15.68 -12.52
CA ASN A 164 29.93 15.49 -13.69
C ASN A 164 29.91 16.50 -14.83
N ASN A 165 28.90 17.36 -14.92
CA ASN A 165 28.78 18.22 -16.08
C ASN A 165 28.49 19.68 -15.85
N LEU A 166 27.95 20.05 -14.68
CA LEU A 166 27.34 21.37 -14.60
C LEU A 166 28.39 22.46 -14.68
N LEU A 167 29.57 22.27 -14.09
CA LEU A 167 30.60 23.28 -14.22
C LEU A 167 31.01 23.38 -15.67
N LYS A 168 31.14 22.23 -16.35
CA LYS A 168 31.52 22.31 -17.74
C LYS A 168 30.56 23.05 -18.60
N ILE A 169 29.29 22.85 -18.33
CA ILE A 169 28.23 23.58 -19.00
C ILE A 169 28.41 25.04 -18.72
N ILE A 170 28.53 25.44 -17.45
CA ILE A 170 28.68 26.85 -17.09
C ILE A 170 29.91 27.44 -17.79
N ASN A 171 30.95 26.64 -17.91
CA ASN A 171 32.23 27.11 -18.44
C ASN A 171 32.29 26.98 -19.97
N ASN A 172 31.17 26.64 -20.62
CA ASN A 172 31.09 26.52 -22.09
C ASN A 172 32.01 25.45 -22.63
N GLU A 173 32.21 24.39 -21.85
CA GLU A 173 33.05 23.28 -22.26
C GLU A 173 32.28 22.05 -22.74
N LEU A 174 30.95 22.11 -22.74
CA LEU A 174 30.13 20.98 -23.17
C LEU A 174 29.07 21.61 -24.04
N GLN A 175 29.05 21.22 -25.32
CA GLN A 175 28.08 21.73 -26.29
C GLN A 175 26.87 20.79 -26.47
N PRO A 176 25.66 21.34 -26.59
CA PRO A 176 24.50 20.44 -26.55
C PRO A 176 24.15 19.98 -27.94
N LYS A 177 23.25 19.01 -28.02
CA LYS A 177 22.81 18.40 -29.29
C LYS A 177 21.30 18.44 -29.38
N LEU A 178 20.77 18.55 -30.58
CA LEU A 178 19.30 18.52 -30.72
C LEU A 178 18.71 17.26 -30.17
N PRO A 179 17.47 17.34 -29.65
CA PRO A 179 16.79 16.12 -29.27
C PRO A 179 16.57 15.28 -30.54
N SER A 180 16.50 13.97 -30.36
CA SER A 180 16.31 13.06 -31.49
C SER A 180 14.95 13.15 -32.25
N GLN A 181 13.94 13.62 -31.54
CA GLN A 181 12.61 13.87 -32.12
C GLN A 181 11.87 14.94 -31.31
N GLU A 182 10.74 15.40 -31.85
CA GLU A 182 9.87 16.32 -31.14
C GLU A 182 9.43 15.72 -29.80
N GLY A 183 9.16 14.41 -29.79
CA GLY A 183 8.71 13.68 -28.62
C GLY A 183 7.32 14.10 -28.19
N ASN A 184 6.99 13.91 -26.91
CA ASN A 184 5.60 13.97 -26.43
C ASN A 184 5.61 14.61 -25.05
N TYR A 185 4.60 15.43 -24.79
CA TYR A 185 4.52 16.24 -23.58
C TYR A 185 3.28 15.77 -22.83
N ASN A 186 3.39 15.63 -21.49
CA ASN A 186 2.18 15.35 -20.69
C ASN A 186 1.81 16.50 -19.81
N SER A 187 0.54 16.86 -19.79
CA SER A 187 0.15 17.96 -18.89
C SER A 187 -0.28 17.51 -17.49
N ILE A 188 -0.55 18.51 -16.65
CA ILE A 188 -1.15 18.21 -15.36
C ILE A 188 -2.55 17.62 -15.54
N GLN A 189 -3.28 18.09 -16.53
CA GLN A 189 -4.62 17.55 -16.81
C GLN A 189 -4.59 16.09 -17.27
N ASP A 190 -3.57 15.73 -18.08
CA ASP A 190 -3.36 14.33 -18.42
C ASP A 190 -3.18 13.46 -17.15
N PHE A 191 -2.46 13.98 -16.16
CA PHE A 191 -2.15 13.23 -14.94
C PHE A 191 -3.45 13.10 -14.15
N ASN A 192 -4.18 14.21 -14.08
CA ASN A 192 -5.44 14.15 -13.31
C ASN A 192 -6.51 13.26 -13.93
N LYS A 193 -6.59 13.17 -15.25
CA LYS A 193 -7.39 12.12 -15.87
C LYS A 193 -7.01 10.71 -15.46
N LEU A 194 -5.70 10.44 -15.33
CA LEU A 194 -5.26 9.13 -14.99
C LEU A 194 -5.72 8.77 -13.58
N CYS A 195 -5.73 9.75 -12.69
CA CYS A 195 -6.01 9.61 -11.29
C CYS A 195 -7.45 9.17 -11.12
N LYS A 196 -8.32 9.62 -11.99
CA LYS A 196 -9.73 9.24 -11.89
C LYS A 196 -9.90 7.86 -12.48
N LEU A 197 -9.95 6.86 -11.62
CA LEU A 197 -9.99 5.46 -12.05
C LEU A 197 -11.35 5.15 -12.63
N ASN A 198 -11.36 4.35 -13.69
CA ASN A 198 -12.62 3.84 -14.15
C ASN A 198 -12.71 2.35 -13.76
N LEU A 199 -13.57 2.07 -12.80
CA LEU A 199 -13.72 0.72 -12.29
C LEU A 199 -14.19 -0.29 -13.37
N GLU A 200 -14.86 0.18 -14.42
CA GLU A 200 -15.31 -0.69 -15.51
C GLU A 200 -14.24 -0.83 -16.58
N ASP A 201 -13.10 -0.18 -16.42
CA ASP A 201 -12.09 -0.31 -17.45
C ASP A 201 -11.77 -1.80 -17.58
N ASN A 202 -11.64 -2.28 -18.82
CA ASN A 202 -11.33 -3.65 -19.14
C ASN A 202 -9.89 -3.69 -19.64
N GLY A 203 -9.10 -4.57 -19.02
CA GLY A 203 -7.66 -4.59 -19.18
C GLY A 203 -7.03 -5.85 -18.59
N SER A 204 -5.77 -6.04 -18.90
CA SER A 204 -5.00 -7.06 -18.19
C SER A 204 -4.60 -6.63 -16.79
N LEU A 205 -4.43 -7.60 -15.92
CA LEU A 205 -4.01 -7.29 -14.57
C LEU A 205 -2.70 -6.51 -14.60
N ARG A 206 -1.85 -6.78 -15.60
CA ARG A 206 -0.60 -6.03 -15.76
C ARG A 206 -0.86 -4.54 -15.96
N GLU A 207 -1.78 -4.20 -16.86
CA GLU A 207 -2.15 -2.81 -17.15
C GLU A 207 -2.68 -2.14 -15.89
N HIS A 208 -3.48 -2.88 -15.13
CA HIS A 208 -4.10 -2.32 -13.92
C HIS A 208 -3.06 -2.08 -12.84
N ILE A 209 -2.17 -3.06 -12.68
CA ILE A 209 -1.05 -2.88 -11.75
C ILE A 209 -0.12 -1.78 -12.14
N ASP A 210 0.20 -1.70 -13.43
CA ASP A 210 1.00 -0.57 -13.91
C ASP A 210 0.35 0.76 -13.64
N LEU A 211 -0.96 0.86 -13.82
CA LEU A 211 -1.64 2.12 -13.59
C LEU A 211 -1.54 2.43 -12.10
N LEU A 212 -1.69 1.45 -11.24
CA LEU A 212 -1.69 1.74 -9.80
C LEU A 212 -0.28 2.07 -9.35
N ARG A 213 0.72 1.35 -9.82
CA ARG A 213 2.06 1.70 -9.43
C ARG A 213 2.56 3.05 -9.99
N ALA A 214 2.11 3.47 -11.17
CA ALA A 214 2.42 4.79 -11.74
C ALA A 214 1.87 5.88 -10.87
N LEU A 215 0.72 5.61 -10.25
CA LEU A 215 0.01 6.57 -9.42
C LEU A 215 0.36 6.52 -7.93
N THR A 216 1.22 5.57 -7.55
CA THR A 216 1.62 5.45 -6.16
C THR A 216 2.94 6.22 -5.93
N HIS A 217 2.88 7.26 -5.10
CA HIS A 217 4.05 8.08 -4.81
C HIS A 217 4.06 8.61 -3.38
N GLY A 218 4.38 7.75 -2.43
CA GLY A 218 4.49 8.13 -1.03
C GLY A 218 3.15 8.16 -0.33
N ASP A 219 3.06 8.86 0.79
CA ASP A 219 1.81 8.77 1.58
C ASP A 219 0.68 9.57 0.94
N PHE A 220 0.97 10.60 0.13
CA PHE A 220 -0.10 11.30 -0.61
C PHE A 220 -0.73 10.52 -1.78
N LYS A 221 -1.95 10.04 -1.67
CA LYS A 221 -2.53 9.17 -2.70
CA LYS A 221 -2.53 9.15 -2.68
C LYS A 221 -3.17 9.99 -3.81
N ASN A 222 -3.01 9.52 -5.05
CA ASN A 222 -3.43 10.17 -6.29
C ASN A 222 -4.66 9.50 -6.95
N ALA A 223 -4.60 8.17 -7.04
CA ALA A 223 -5.63 7.39 -7.72
C ALA A 223 -6.85 7.27 -6.81
N TYR A 224 -8.00 7.43 -7.42
CA TYR A 224 -9.24 7.28 -6.69
C TYR A 224 -10.37 6.79 -7.58
N PHE A 225 -11.35 6.20 -6.90
CA PHE A 225 -12.60 5.87 -7.55
C PHE A 225 -13.73 6.38 -6.67
N TYR A 226 -14.90 6.45 -7.26
CA TYR A 226 -16.10 6.63 -6.47
C TYR A 226 -16.93 5.34 -6.37
N ASP A 227 -17.46 5.04 -5.21
CA ASP A 227 -18.09 3.77 -4.96
C ASP A 227 -19.61 3.94 -5.19
N GLU A 228 -20.38 2.90 -5.00
CA GLU A 228 -21.87 2.90 -5.00
C GLU A 228 -22.58 4.10 -4.41
N ASN A 229 -22.04 4.65 -3.33
CA ASN A 229 -22.68 5.73 -2.62
C ASN A 229 -21.98 7.03 -2.89
N ASN A 230 -21.18 7.08 -3.94
CA ASN A 230 -20.41 8.26 -4.31
C ASN A 230 -19.36 8.73 -3.30
N THR A 231 -18.83 7.76 -2.56
CA THR A 231 -17.77 8.07 -1.63
C THR A 231 -16.48 7.91 -2.42
N LYS A 232 -15.54 8.80 -2.11
CA LYS A 232 -14.26 8.81 -2.84
C LYS A 232 -13.28 7.96 -2.08
N VAL A 233 -12.65 7.04 -2.78
CA VAL A 233 -11.74 6.08 -2.17
C VAL A 233 -10.43 6.17 -2.93
N PHE A 234 -9.39 6.53 -2.21
CA PHE A 234 -8.06 6.54 -2.76
C PHE A 234 -7.40 5.20 -2.66
N VAL A 235 -6.49 4.98 -3.62
CA VAL A 235 -5.92 3.68 -3.89
C VAL A 235 -4.45 3.86 -4.12
N LYS A 236 -3.69 3.01 -3.44
CA LYS A 236 -2.27 2.85 -3.75
C LYS A 236 -1.91 1.37 -3.70
N ILE A 237 -0.78 1.03 -4.28
CA ILE A 237 -0.31 -0.34 -4.31
C ILE A 237 1.09 -0.43 -3.73
N GLU A 238 1.41 -1.59 -3.18
CA GLU A 238 2.75 -1.88 -2.68
C GLU A 238 3.22 -3.16 -3.34
N LEU A 239 4.43 -3.11 -3.91
CA LEU A 239 5.04 -4.25 -4.57
C LEU A 239 6.38 -4.49 -3.86
N SER A 240 6.72 -5.75 -3.57
CA SER A 240 7.99 -6.01 -2.94
C SER A 240 8.58 -7.38 -3.21
N LEU A 241 9.91 -7.39 -3.17
CA LEU A 241 10.64 -8.61 -3.44
C LEU A 241 10.69 -9.53 -2.21
N SER A 242 10.32 -8.99 -1.04
CA SER A 242 10.11 -9.75 0.18
C SER A 242 8.65 -9.79 0.63
N GLN A 243 8.24 -10.93 1.21
CA GLN A 243 6.89 -11.12 1.80
C GLN A 243 6.52 -10.15 2.90
N GLU A 244 7.48 -9.91 3.78
CA GLU A 244 7.25 -9.10 5.00
C GLU A 244 8.45 -8.19 5.29
N MET B 1 -22.14 -26.70 39.24
CA MET B 1 -20.87 -26.21 38.61
C MET B 1 -20.50 -27.16 37.46
N LYS B 2 -19.99 -26.58 36.38
CA LYS B 2 -19.56 -27.30 35.19
C LYS B 2 -18.05 -27.08 34.95
N LYS B 3 -17.38 -28.07 34.39
CA LYS B 3 -16.03 -27.84 33.92
C LYS B 3 -16.09 -27.75 32.40
N ILE B 4 -15.40 -26.74 31.88
CA ILE B 4 -15.39 -26.34 30.48
C ILE B 4 -13.96 -26.38 29.95
N LEU B 5 -13.78 -26.79 28.70
CA LEU B 5 -12.52 -26.60 27.97
C LEU B 5 -12.66 -25.66 26.77
N VAL B 6 -11.83 -24.63 26.66
CA VAL B 6 -11.70 -23.80 25.49
C VAL B 6 -10.36 -24.13 24.79
N ILE B 7 -10.46 -24.54 23.54
CA ILE B 7 -9.32 -24.79 22.71
C ILE B 7 -9.33 -23.67 21.69
N SER B 8 -8.31 -22.83 21.79
CA SER B 8 -8.14 -21.67 20.89
C SER B 8 -6.68 -21.31 20.62
N ASP B 9 -6.41 -20.90 19.40
CA ASP B 9 -5.12 -20.34 19.03
C ASP B 9 -5.24 -18.84 18.78
N ASN B 10 -6.34 -18.21 19.25
CA ASN B 10 -6.57 -16.78 18.98
C ASN B 10 -6.54 -15.96 20.28
N TYR B 11 -5.52 -15.11 20.37
CA TYR B 11 -5.21 -14.34 21.58
C TYR B 11 -6.45 -13.54 21.91
N GLN B 12 -7.03 -12.85 20.92
CA GLN B 12 -8.10 -11.93 21.26
C GLN B 12 -9.32 -12.63 21.88
N LEU B 13 -9.75 -13.74 21.29
CA LEU B 13 -10.96 -14.38 21.74
C LEU B 13 -10.68 -15.05 23.11
N VAL B 14 -9.50 -15.62 23.30
CA VAL B 14 -9.17 -16.18 24.60
C VAL B 14 -9.09 -15.14 25.68
N SER B 15 -8.43 -14.03 25.40
CA SER B 15 -8.39 -12.94 26.36
CA SER B 15 -8.39 -12.95 26.36
C SER B 15 -9.78 -12.47 26.73
N TYR B 16 -10.63 -12.43 25.72
CA TYR B 16 -11.98 -11.91 25.92
C TYR B 16 -12.78 -12.81 26.83
N ILE B 17 -12.70 -14.11 26.57
CA ILE B 17 -13.40 -15.04 27.45
C ILE B 17 -12.91 -14.96 28.89
N LYS B 18 -11.61 -14.88 29.04
CA LYS B 18 -10.96 -14.79 30.31
C LYS B 18 -11.40 -13.52 31.01
N ASN B 19 -11.50 -12.42 30.29
CA ASN B 19 -11.96 -11.17 30.89
C ASN B 19 -13.43 -11.17 31.26
N LEU B 20 -14.27 -11.87 30.50
CA LEU B 20 -15.65 -12.08 30.91
C LEU B 20 -15.82 -12.89 32.16
N TYR B 21 -15.08 -14.01 32.25
CA TYR B 21 -15.04 -14.80 33.47
C TYR B 21 -14.63 -13.95 34.69
N LEU B 22 -13.60 -13.14 34.53
CA LEU B 22 -13.14 -12.31 35.64
C LEU B 22 -14.08 -11.17 36.01
N SER B 23 -14.97 -10.79 35.13
CA SER B 23 -15.73 -9.56 35.41
C SER B 23 -17.20 -9.93 35.58
N ASN B 24 -17.49 -11.21 35.46
CA ASN B 24 -18.87 -11.63 35.58
C ASN B 24 -18.99 -12.77 36.61
N GLU B 25 -19.70 -12.45 37.68
CA GLU B 25 -19.78 -13.35 38.82
C GLU B 25 -20.55 -14.61 38.45
N GLU B 26 -21.52 -14.45 37.55
CA GLU B 26 -22.25 -15.57 36.98
C GLU B 26 -21.39 -16.68 36.34
N TRP B 27 -20.27 -16.28 35.74
CA TRP B 27 -19.29 -17.20 35.15
C TRP B 27 -18.52 -17.87 36.28
N SER B 28 -17.92 -17.04 37.14
CA SER B 28 -17.01 -17.47 38.21
C SER B 28 -17.67 -18.41 39.23
N LYS B 29 -18.96 -18.25 39.46
CA LYS B 29 -19.68 -19.14 40.37
C LYS B 29 -20.03 -20.49 39.74
N GLU B 30 -20.35 -20.46 38.46
CA GLU B 30 -20.78 -21.66 37.78
C GLU B 30 -19.62 -22.49 37.19
N LEU B 31 -18.50 -21.87 36.78
CA LEU B 31 -17.56 -22.56 35.89
C LEU B 31 -16.13 -22.62 36.36
N PHE B 32 -15.50 -23.76 36.03
CA PHE B 32 -14.04 -23.96 36.00
C PHE B 32 -13.70 -24.06 34.51
N ILE B 33 -12.72 -23.31 34.03
CA ILE B 33 -12.49 -23.26 32.59
C ILE B 33 -11.03 -23.55 32.48
N ASP B 34 -10.71 -24.55 31.65
CA ASP B 34 -9.34 -24.80 31.28
C ASP B 34 -9.19 -24.24 29.88
N TYR B 35 -8.03 -23.69 29.56
CA TYR B 35 -7.77 -23.12 28.26
C TYR B 35 -6.51 -23.78 27.72
N SER B 36 -6.53 -24.23 26.47
CA SER B 36 -5.39 -24.80 25.77
C SER B 36 -5.31 -24.27 24.36
N TYR B 37 -4.09 -24.16 23.85
CA TYR B 37 -3.76 -23.82 22.48
C TYR B 37 -3.34 -25.13 21.83
N SER B 38 -3.24 -25.11 20.51
CA SER B 38 -2.97 -26.32 19.73
C SER B 38 -1.50 -26.65 19.67
N SER B 39 -1.21 -27.95 19.65
CA SER B 39 0.19 -28.41 19.62
C SER B 39 0.81 -28.01 18.28
N ILE B 40 0.01 -27.75 17.27
CA ILE B 40 0.52 -27.30 15.99
C ILE B 40 0.80 -25.79 15.92
N ASN B 41 0.46 -25.04 16.97
CA ASN B 41 0.73 -23.61 16.95
C ASN B 41 2.24 -23.41 16.90
N ARG B 42 2.71 -22.69 15.89
CA ARG B 42 4.17 -22.43 15.79
C ARG B 42 4.65 -21.32 16.72
N ASN B 43 3.74 -20.42 17.10
CA ASN B 43 4.10 -19.26 17.90
C ASN B 43 3.13 -19.07 19.07
N PRO B 44 3.07 -19.97 20.06
CA PRO B 44 2.15 -19.87 21.18
C PRO B 44 2.60 -18.99 22.35
N GLN B 45 3.69 -18.27 22.20
CA GLN B 45 4.31 -17.62 23.36
CA GLN B 45 4.32 -17.62 23.36
C GLN B 45 3.30 -16.71 24.04
N SER B 46 2.50 -16.01 23.24
CA SER B 46 1.61 -15.01 23.85
C SER B 46 0.39 -15.67 24.53
N LEU B 47 0.05 -16.86 24.07
CA LEU B 47 -0.98 -17.68 24.71
C LEU B 47 -0.43 -18.27 26.01
N ILE B 48 0.85 -18.58 25.99
CA ILE B 48 1.44 -19.10 27.21
C ILE B 48 1.40 -18.00 28.26
N GLU B 49 1.80 -16.83 27.82
CA GLU B 49 1.81 -15.67 28.69
C GLU B 49 0.42 -15.42 29.29
N LEU B 50 -0.57 -15.61 28.43
CA LEU B 50 -1.94 -15.32 28.77
C LEU B 50 -2.47 -16.29 29.79
N GLY B 51 -1.97 -17.52 29.83
CA GLY B 51 -2.42 -18.51 30.82
C GLY B 51 -3.11 -19.71 30.17
N MET B 52 -2.33 -20.57 29.52
CA MET B 52 -2.88 -21.63 28.65
C MET B 52 -1.90 -22.80 28.54
N THR B 53 -2.42 -24.02 28.42
CA THR B 53 -1.58 -25.23 28.28
C THR B 53 -1.74 -25.82 26.88
N GLU B 54 -0.77 -26.60 26.45
CA GLU B 54 -0.78 -27.11 25.09
C GLU B 54 -1.75 -28.30 25.06
N ILE B 55 -2.54 -28.46 24.01
CA ILE B 55 -3.32 -29.69 23.81
C ILE B 55 -3.17 -30.11 22.35
N ASP B 56 -3.19 -31.42 22.18
CA ASP B 56 -3.19 -31.97 20.84
C ASP B 56 -4.50 -32.72 20.66
N ILE B 57 -5.44 -32.06 19.97
CA ILE B 57 -6.82 -32.51 19.95
C ILE B 57 -7.02 -33.73 19.02
N LYS B 58 -6.12 -33.84 18.07
CA LYS B 58 -6.13 -34.95 17.11
C LYS B 58 -5.77 -36.27 17.78
N ASN B 59 -4.88 -36.21 18.77
CA ASN B 59 -4.44 -37.38 19.52
C ASN B 59 -4.90 -37.48 20.97
N LYS B 60 -5.47 -36.43 21.53
CA LYS B 60 -6.14 -36.52 22.82
C LYS B 60 -7.16 -37.67 22.94
N ASN B 61 -6.98 -38.43 23.99
CA ASN B 61 -7.86 -39.51 24.29
C ASN B 61 -9.15 -39.04 24.94
N LEU B 62 -10.26 -39.53 24.43
CA LEU B 62 -11.55 -39.23 25.00
C LEU B 62 -11.68 -39.49 26.50
N ASN B 63 -10.91 -40.47 26.94
CA ASN B 63 -10.82 -40.82 28.33
C ASN B 63 -10.38 -39.70 29.28
N GLU B 64 -9.60 -38.78 28.77
CA GLU B 64 -9.08 -37.64 29.54
C GLU B 64 -9.98 -36.41 29.41
N LEU B 65 -11.13 -36.59 28.76
CA LEU B 65 -12.03 -35.47 28.49
C LEU B 65 -13.37 -35.65 29.20
N ASN B 66 -13.50 -36.68 30.03
CA ASN B 66 -14.78 -36.99 30.65
C ASN B 66 -15.31 -35.92 31.58
N ASP B 67 -14.49 -35.12 32.24
CA ASP B 67 -15.00 -34.09 33.16
C ASP B 67 -15.68 -32.92 32.45
N TYR B 68 -15.38 -32.69 31.17
CA TYR B 68 -15.89 -31.50 30.48
C TYR B 68 -17.32 -31.58 30.06
N HIS B 69 -18.11 -30.62 30.52
CA HIS B 69 -19.48 -30.50 30.07
C HIS B 69 -19.55 -30.32 28.55
N LEU B 70 -18.61 -29.53 28.04
CA LEU B 70 -18.51 -29.23 26.62
C LEU B 70 -17.13 -28.64 26.33
N ILE B 71 -16.81 -28.59 25.05
CA ILE B 71 -15.54 -28.07 24.64
C ILE B 71 -15.89 -26.96 23.67
N ILE B 72 -15.23 -25.83 23.82
CA ILE B 72 -15.36 -24.72 22.89
C ILE B 72 -14.14 -24.57 22.00
N SER B 73 -14.35 -24.57 20.69
CA SER B 73 -13.34 -24.25 19.70
C SER B 73 -13.51 -22.79 19.24
N ALA B 74 -12.49 -22.00 19.46
CA ALA B 74 -12.42 -20.61 19.00
C ALA B 74 -11.15 -20.45 18.17
N HIS B 75 -11.22 -20.78 16.89
CA HIS B 75 -10.12 -20.66 15.96
C HIS B 75 -8.97 -21.57 16.39
N CYS B 76 -9.31 -22.81 16.72
CA CYS B 76 -8.33 -23.87 17.02
C CYS B 76 -7.75 -24.19 15.67
N LYS B 77 -6.42 -24.18 15.56
CA LYS B 77 -5.78 -24.43 14.30
C LYS B 77 -5.94 -25.89 13.85
N GLN B 78 -6.18 -26.83 14.75
CA GLN B 78 -6.34 -28.25 14.33
C GLN B 78 -7.82 -28.46 14.20
N ILE B 79 -8.16 -29.23 13.19
CA ILE B 79 -9.47 -29.84 13.08
C ILE B 79 -9.70 -30.87 14.19
N PHE B 80 -10.85 -30.80 14.84
CA PHE B 80 -11.26 -31.82 15.80
C PHE B 80 -11.60 -33.08 15.02
N PRO B 81 -11.09 -34.24 15.45
CA PRO B 81 -11.52 -35.49 14.87
C PRO B 81 -13.00 -35.74 15.08
N ALA B 82 -13.55 -36.47 14.11
CA ALA B 82 -14.92 -36.94 14.17
C ALA B 82 -15.25 -37.56 15.53
N HIS B 83 -14.37 -38.42 16.05
CA HIS B 83 -14.70 -39.05 17.31
C HIS B 83 -14.82 -38.06 18.47
N ILE B 84 -14.08 -36.96 18.42
CA ILE B 84 -14.27 -35.95 19.51
C ILE B 84 -15.65 -35.29 19.40
N VAL B 85 -15.99 -34.84 18.20
CA VAL B 85 -17.26 -34.13 18.05
C VAL B 85 -18.50 -34.98 18.21
N ASN B 86 -18.40 -36.27 17.92
CA ASN B 86 -19.50 -37.18 18.13
C ASN B 86 -19.63 -37.62 19.61
N ASN B 87 -18.58 -37.56 20.40
CA ASN B 87 -18.66 -37.99 21.78
C ASN B 87 -18.67 -36.88 22.83
N LYS B 88 -18.43 -35.64 22.42
CA LYS B 88 -18.38 -34.56 23.39
C LYS B 88 -19.16 -33.46 22.73
N LEU B 89 -19.87 -32.68 23.52
CA LEU B 89 -20.59 -31.54 22.93
C LEU B 89 -19.52 -30.52 22.57
N CYS B 90 -19.38 -30.22 21.27
CA CYS B 90 -18.33 -29.30 20.86
C CYS B 90 -19.00 -28.13 20.17
N ILE B 91 -18.61 -26.93 20.57
CA ILE B 91 -19.19 -25.73 20.02
C ILE B 91 -18.04 -24.98 19.36
N ASN B 92 -18.27 -24.47 18.15
CA ASN B 92 -17.30 -23.68 17.38
C ASN B 92 -17.71 -22.21 17.31
N ILE B 93 -16.75 -21.32 17.55
CA ILE B 93 -16.90 -19.90 17.32
C ILE B 93 -16.20 -19.62 15.98
N HIS B 94 -16.99 -19.28 14.95
CA HIS B 94 -16.54 -19.36 13.58
C HIS B 94 -16.64 -17.98 12.94
N PRO B 95 -15.55 -17.55 12.30
CA PRO B 95 -15.48 -16.21 11.73
C PRO B 95 -16.03 -16.15 10.33
N GLY B 96 -17.24 -16.68 10.13
CA GLY B 96 -17.96 -16.58 8.86
C GLY B 96 -19.45 -16.69 9.13
N LEU B 97 -20.28 -16.45 8.12
CA LEU B 97 -21.72 -16.56 8.30
C LEU B 97 -22.24 -17.79 7.62
N ASN B 98 -22.23 -18.88 8.36
CA ASN B 98 -22.67 -20.18 7.85
C ASN B 98 -24.08 -19.98 7.26
N PRO B 99 -24.39 -20.58 6.10
CA PRO B 99 -23.51 -21.57 5.47
C PRO B 99 -22.68 -21.06 4.29
N TYR B 100 -22.44 -19.75 4.25
CA TYR B 100 -21.74 -19.10 3.14
C TYR B 100 -20.23 -19.07 3.35
N ASN B 101 -19.49 -19.40 2.31
CA ASN B 101 -18.05 -19.39 2.39
C ASN B 101 -17.59 -20.06 3.63
N ARG B 102 -18.09 -21.27 3.82
CA ARG B 102 -17.54 -22.12 4.85
C ARG B 102 -16.10 -22.40 4.42
N GLY B 103 -15.33 -22.91 5.36
CA GLY B 103 -13.96 -23.30 5.05
C GLY B 103 -12.95 -22.20 5.38
N TRP B 104 -12.00 -22.07 4.48
CA TRP B 104 -10.88 -21.16 4.73
C TRP B 104 -11.21 -19.70 4.44
N PHE B 105 -10.86 -18.83 5.39
CA PHE B 105 -10.76 -17.38 5.19
C PHE B 105 -12.03 -16.79 4.59
N PRO B 106 -13.17 -16.99 5.27
CA PRO B 106 -14.48 -16.61 4.73
C PRO B 106 -14.52 -15.17 4.20
N GLN B 107 -13.85 -14.24 4.85
CA GLN B 107 -13.91 -12.86 4.44
C GLN B 107 -13.19 -12.60 3.13
N VAL B 108 -12.15 -13.36 2.82
CA VAL B 108 -11.45 -13.26 1.56
C VAL B 108 -12.42 -13.62 0.45
N PHE B 109 -13.07 -14.75 0.64
CA PHE B 109 -14.01 -15.23 -0.39
C PHE B 109 -15.22 -14.34 -0.58
N SER B 110 -15.76 -13.82 0.53
CA SER B 110 -16.91 -12.92 0.44
C SER B 110 -16.59 -11.63 -0.27
N ILE B 111 -15.39 -11.09 -0.09
CA ILE B 111 -14.98 -9.91 -0.86
C ILE B 111 -15.12 -10.16 -2.37
N LEU B 112 -14.73 -11.34 -2.82
CA LEU B 112 -14.76 -11.72 -4.23
C LEU B 112 -16.11 -12.12 -4.76
N ASN B 113 -16.85 -12.91 -3.97
CA ASN B 113 -18.10 -13.52 -4.44
C ASN B 113 -19.39 -12.85 -3.92
N LYS B 114 -19.24 -11.91 -2.99
CA LYS B 114 -20.35 -11.10 -2.50
C LYS B 114 -21.34 -11.88 -1.67
N LYS B 115 -21.01 -13.10 -1.27
CA LYS B 115 -21.90 -13.79 -0.36
C LYS B 115 -21.75 -13.19 1.06
N PRO B 116 -22.77 -13.30 1.92
CA PRO B 116 -22.66 -12.75 3.25
C PRO B 116 -21.45 -13.19 4.08
N ILE B 117 -21.09 -12.28 4.97
CA ILE B 117 -19.97 -12.55 5.86
C ILE B 117 -20.46 -12.14 7.23
N GLY B 118 -19.82 -12.69 8.23
CA GLY B 118 -20.35 -12.52 9.57
C GLY B 118 -19.63 -13.44 10.52
N ALA B 119 -20.28 -13.76 11.65
CA ALA B 119 -19.78 -14.69 12.61
C ALA B 119 -20.94 -15.60 13.04
N THR B 120 -20.57 -16.80 13.45
CA THR B 120 -21.52 -17.86 13.75
C THR B 120 -21.00 -18.65 14.95
N ILE B 121 -21.85 -18.94 15.95
CA ILE B 121 -21.49 -19.92 16.97
C ILE B 121 -22.39 -21.12 16.66
N HIS B 122 -21.82 -22.30 16.45
CA HIS B 122 -22.58 -23.48 16.03
C HIS B 122 -22.02 -24.76 16.64
N LYS B 123 -22.85 -25.80 16.62
CA LYS B 123 -22.46 -27.11 17.14
C LYS B 123 -21.58 -27.74 16.06
N MET B 124 -20.50 -28.40 16.48
CA MET B 124 -19.71 -29.19 15.52
C MET B 124 -20.43 -30.54 15.33
N ASP B 125 -20.36 -31.06 14.10
CA ASP B 125 -20.79 -32.40 13.70
C ASP B 125 -19.79 -32.91 12.65
N SER B 126 -20.03 -34.07 12.05
CA SER B 126 -19.33 -34.40 10.78
C SER B 126 -19.90 -33.61 9.59
N GLY B 131 -23.06 -27.98 11.12
CA GLY B 131 -23.72 -28.14 12.41
C GLY B 131 -24.79 -27.09 12.69
N GLU B 132 -25.59 -27.34 13.73
CA GLU B 132 -26.67 -26.44 14.08
C GLU B 132 -26.18 -25.11 14.64
N ILE B 133 -26.86 -24.02 14.29
CA ILE B 133 -26.40 -22.67 14.62
C ILE B 133 -27.15 -22.16 15.84
N TYR B 134 -26.42 -21.78 16.89
CA TYR B 134 -27.02 -21.15 18.05
C TYR B 134 -27.35 -19.68 17.84
N CYS B 135 -26.42 -18.96 17.22
CA CYS B 135 -26.55 -17.52 16.97
C CYS B 135 -25.54 -17.18 15.88
N GLN B 136 -25.92 -16.22 15.06
CA GLN B 136 -24.97 -15.61 14.14
C GLN B 136 -25.44 -14.21 13.81
N GLU B 137 -24.54 -13.43 13.22
CA GLU B 137 -24.90 -12.12 12.69
C GLU B 137 -23.97 -11.71 11.54
N GLU B 138 -24.50 -10.89 10.65
CA GLU B 138 -23.78 -10.45 9.44
C GLU B 138 -23.03 -9.15 9.78
N VAL B 139 -21.85 -8.94 9.17
CA VAL B 139 -21.19 -7.66 9.01
C VAL B 139 -21.18 -7.21 7.55
N SER B 140 -20.97 -5.92 7.35
CA SER B 140 -20.97 -5.36 5.98
C SER B 140 -19.53 -5.37 5.42
N ILE B 141 -19.36 -5.43 4.10
CA ILE B 141 -18.07 -5.13 3.47
C ILE B 141 -18.14 -3.78 2.78
N LEU B 142 -17.35 -2.81 3.19
CA LEU B 142 -17.38 -1.51 2.55
C LEU B 142 -16.30 -1.39 1.47
N SER B 143 -16.43 -0.40 0.60
CA SER B 143 -15.69 -0.36 -0.63
C SER B 143 -14.20 -0.20 -0.43
N HIS B 144 -13.78 0.35 0.71
CA HIS B 144 -12.40 0.64 1.01
C HIS B 144 -11.74 -0.40 1.88
N GLU B 145 -12.44 -1.48 2.15
CA GLU B 145 -11.99 -2.47 3.12
C GLU B 145 -11.29 -3.67 2.53
N THR B 146 -10.28 -4.10 3.26
CA THR B 146 -9.53 -5.28 2.86
C THR B 146 -9.91 -6.48 3.70
N SER B 147 -9.28 -7.62 3.43
CA SER B 147 -9.46 -8.78 4.24
C SER B 147 -9.20 -8.51 5.72
N ILE B 148 -8.09 -7.85 6.05
CA ILE B 148 -7.85 -7.63 7.47
C ILE B 148 -8.94 -6.74 8.12
N ASP B 149 -9.44 -5.74 7.44
CA ASP B 149 -10.52 -4.88 7.96
C ASP B 149 -11.76 -5.72 8.28
N ILE B 150 -12.13 -6.60 7.38
CA ILE B 150 -13.40 -7.39 7.52
C ILE B 150 -13.17 -8.40 8.65
N TYR B 151 -11.99 -8.99 8.68
CA TYR B 151 -11.66 -9.96 9.74
C TYR B 151 -11.73 -9.31 11.12
N ASN B 152 -11.18 -8.10 11.22
CA ASN B 152 -11.31 -7.34 12.42
C ASN B 152 -12.77 -7.05 12.81
N LYS B 153 -13.67 -6.74 11.87
CA LYS B 153 -15.06 -6.63 12.25
C LYS B 153 -15.63 -7.96 12.74
N VAL B 154 -15.19 -9.03 12.08
CA VAL B 154 -15.61 -10.37 12.45
C VAL B 154 -15.23 -10.77 13.86
N ILE B 155 -13.98 -10.48 14.22
CA ILE B 155 -13.54 -10.74 15.57
C ILE B 155 -14.39 -9.92 16.54
N GLU B 156 -14.57 -8.64 16.27
CA GLU B 156 -15.44 -7.79 17.09
CA GLU B 156 -15.41 -7.86 17.17
C GLU B 156 -16.80 -8.45 17.31
N LEU B 157 -17.40 -8.96 16.22
CA LEU B 157 -18.72 -9.55 16.27
C LEU B 157 -18.68 -10.84 17.11
N GLU B 158 -17.61 -11.63 16.97
CA GLU B 158 -17.48 -12.87 17.75
C GLU B 158 -17.55 -12.57 19.25
N LYS B 159 -16.84 -11.51 19.65
CA LYS B 159 -16.83 -11.07 21.06
C LYS B 159 -18.23 -10.71 21.53
N LYS B 160 -18.96 -9.99 20.68
CA LYS B 160 -20.35 -9.68 20.96
C LYS B 160 -21.19 -10.94 21.11
N LEU B 161 -21.11 -11.85 20.15
CA LEU B 161 -21.78 -13.14 20.26
C LEU B 161 -21.45 -13.96 21.51
N ILE B 162 -20.18 -13.97 21.88
CA ILE B 162 -19.76 -14.64 23.06
C ILE B 162 -20.46 -14.00 24.27
N LYS B 163 -20.22 -12.70 24.41
CA LYS B 163 -20.71 -11.89 25.53
C LYS B 163 -22.22 -12.09 25.74
N ASN B 164 -23.01 -12.11 24.67
CA ASN B 164 -24.46 -12.16 24.79
C ASN B 164 -25.05 -13.58 24.82
N ASN B 165 -24.29 -14.59 24.37
CA ASN B 165 -24.87 -15.91 24.13
C ASN B 165 -24.13 -17.11 24.79
N LEU B 166 -22.85 -16.98 25.14
CA LEU B 166 -22.06 -18.15 25.35
C LEU B 166 -22.46 -18.80 26.67
N LEU B 167 -22.61 -18.01 27.74
CA LEU B 167 -23.09 -18.57 29.02
C LEU B 167 -24.41 -19.30 28.83
N LYS B 168 -25.35 -18.70 28.11
CA LYS B 168 -26.61 -19.35 27.85
C LYS B 168 -26.49 -20.63 27.08
N ILE B 169 -25.58 -20.64 26.10
CA ILE B 169 -25.34 -21.88 25.40
C ILE B 169 -24.77 -22.89 26.38
N ILE B 170 -23.86 -22.47 27.25
CA ILE B 170 -23.27 -23.42 28.17
C ILE B 170 -24.35 -23.97 29.10
N ASN B 171 -25.34 -23.14 29.46
CA ASN B 171 -26.33 -23.53 30.47
C ASN B 171 -27.58 -24.12 29.82
N ASN B 172 -27.46 -24.46 28.54
CA ASN B 172 -28.56 -25.09 27.81
C ASN B 172 -29.80 -24.23 27.61
N GLU B 173 -29.61 -22.91 27.62
CA GLU B 173 -30.74 -21.98 27.67
C GLU B 173 -30.96 -21.35 26.30
N LEU B 174 -30.27 -21.89 25.29
CA LEU B 174 -30.39 -21.47 23.89
C LEU B 174 -30.18 -22.62 22.91
N GLN B 175 -31.24 -22.99 22.20
CA GLN B 175 -31.26 -24.16 21.34
C GLN B 175 -31.00 -23.83 19.88
N PRO B 176 -30.13 -24.63 19.25
CA PRO B 176 -29.63 -24.32 17.93
C PRO B 176 -30.64 -24.76 16.87
N LYS B 177 -30.30 -24.57 15.59
CA LYS B 177 -31.19 -24.73 14.44
C LYS B 177 -30.41 -24.99 13.13
N LEU B 178 -30.79 -26.01 12.35
CA LEU B 178 -30.00 -26.38 11.18
C LEU B 178 -29.98 -25.29 10.12
N PRO B 179 -28.80 -25.01 9.55
CA PRO B 179 -28.70 -24.02 8.50
C PRO B 179 -29.66 -24.25 7.34
N SER B 180 -30.19 -23.13 6.85
CA SER B 180 -31.02 -23.09 5.67
C SER B 180 -30.34 -23.78 4.51
N GLY B 183 -24.38 -24.90 1.93
CA GLY B 183 -24.17 -23.65 1.17
C GLY B 183 -22.98 -23.59 0.19
N ASN B 184 -21.78 -23.16 0.63
CA ASN B 184 -20.56 -23.34 -0.17
C ASN B 184 -19.30 -23.35 0.66
N TYR B 185 -18.28 -23.98 0.12
CA TYR B 185 -17.10 -24.23 0.89
C TYR B 185 -15.92 -23.79 0.00
N ASN B 186 -14.87 -23.30 0.64
CA ASN B 186 -13.67 -22.84 -0.08
C ASN B 186 -12.44 -23.44 0.54
N SER B 187 -11.63 -24.06 -0.31
CA SER B 187 -10.43 -24.78 0.13
C SER B 187 -9.21 -23.87 0.25
N ILE B 188 -8.23 -24.32 1.03
CA ILE B 188 -6.89 -23.73 1.00
C ILE B 188 -6.28 -23.64 -0.40
N GLN B 189 -6.48 -24.66 -1.22
CA GLN B 189 -6.01 -24.64 -2.59
C GLN B 189 -6.73 -23.56 -3.35
N ASP B 190 -8.01 -23.32 -3.08
CA ASP B 190 -8.69 -22.21 -3.73
C ASP B 190 -7.99 -20.90 -3.32
N PHE B 191 -7.68 -20.78 -2.04
CA PHE B 191 -6.95 -19.61 -1.54
C PHE B 191 -5.64 -19.48 -2.32
N ASN B 192 -4.90 -20.58 -2.45
CA ASN B 192 -3.57 -20.50 -3.06
C ASN B 192 -3.66 -20.21 -4.55
N LYS B 193 -4.73 -20.68 -5.18
CA LYS B 193 -4.86 -20.32 -6.58
C LYS B 193 -5.05 -18.83 -6.71
N LEU B 194 -5.75 -18.25 -5.72
CA LEU B 194 -6.02 -16.81 -5.86
C LEU B 194 -4.69 -16.02 -5.72
N CYS B 195 -3.82 -16.50 -4.85
CA CYS B 195 -2.57 -15.80 -4.54
C CYS B 195 -1.67 -15.67 -5.79
N LYS B 196 -1.70 -16.68 -6.65
CA LYS B 196 -0.84 -16.72 -7.82
C LYS B 196 -1.52 -15.90 -8.90
N LEU B 197 -1.13 -14.63 -8.95
CA LEU B 197 -1.71 -13.71 -9.90
C LEU B 197 -1.28 -14.07 -11.30
N ASN B 198 -2.15 -13.80 -12.25
CA ASN B 198 -1.83 -13.95 -13.65
C ASN B 198 -1.87 -12.56 -14.28
N LEU B 199 -0.70 -12.05 -14.64
CA LEU B 199 -0.63 -10.70 -15.21
C LEU B 199 -1.44 -10.55 -16.50
N GLU B 200 -1.67 -11.67 -17.19
CA GLU B 200 -2.42 -11.65 -18.44
C GLU B 200 -3.95 -11.73 -18.27
N ASP B 201 -4.44 -11.97 -17.06
CA ASP B 201 -5.87 -12.00 -16.78
C ASP B 201 -6.58 -10.74 -17.27
N ASN B 202 -7.54 -10.88 -18.19
CA ASN B 202 -8.42 -9.79 -18.58
C ASN B 202 -9.64 -9.68 -17.67
N GLY B 203 -9.84 -8.50 -17.07
CA GLY B 203 -11.03 -8.23 -16.28
C GLY B 203 -11.17 -6.71 -16.12
N SER B 204 -12.16 -6.37 -15.32
CA SER B 204 -12.45 -4.98 -14.96
C SER B 204 -11.50 -4.59 -13.86
N LEU B 205 -11.22 -3.31 -13.77
CA LEU B 205 -10.34 -2.78 -12.71
C LEU B 205 -10.98 -3.15 -11.40
N ARG B 206 -12.32 -3.10 -11.37
CA ARG B 206 -13.05 -3.43 -10.15
C ARG B 206 -12.71 -4.87 -9.71
N GLU B 207 -12.76 -5.83 -10.62
CA GLU B 207 -12.43 -7.22 -10.32
C GLU B 207 -11.01 -7.34 -9.78
N HIS B 208 -10.10 -6.63 -10.41
CA HIS B 208 -8.69 -6.77 -10.06
C HIS B 208 -8.42 -6.05 -8.74
N ILE B 209 -8.99 -4.86 -8.52
CA ILE B 209 -8.89 -4.27 -7.15
C ILE B 209 -9.51 -5.15 -6.07
N ASP B 210 -10.59 -5.86 -6.37
CA ASP B 210 -11.22 -6.65 -5.34
C ASP B 210 -10.35 -7.84 -4.96
N LEU B 211 -9.66 -8.39 -5.95
CA LEU B 211 -8.76 -9.52 -5.78
C LEU B 211 -7.60 -9.10 -4.87
N LEU B 212 -6.99 -7.96 -5.23
CA LEU B 212 -5.92 -7.39 -4.38
C LEU B 212 -6.40 -7.08 -2.96
N ARG B 213 -7.59 -6.52 -2.83
CA ARG B 213 -8.09 -6.27 -1.49
C ARG B 213 -8.46 -7.51 -0.65
N ALA B 214 -8.93 -8.55 -1.32
CA ALA B 214 -9.22 -9.84 -0.72
C ALA B 214 -7.90 -10.47 -0.20
N LEU B 215 -6.79 -10.22 -0.91
CA LEU B 215 -5.56 -10.85 -0.62
C LEU B 215 -4.65 -9.95 0.21
N THR B 216 -5.14 -8.78 0.59
CA THR B 216 -4.39 -7.93 1.54
C THR B 216 -4.81 -8.14 2.99
N HIS B 217 -3.88 -8.58 3.84
CA HIS B 217 -4.10 -8.88 5.25
C HIS B 217 -2.90 -8.61 6.12
N GLY B 218 -2.69 -7.34 6.41
CA GLY B 218 -1.57 -7.01 7.31
C GLY B 218 -0.24 -7.01 6.57
N ASP B 219 0.84 -7.22 7.32
CA ASP B 219 2.18 -6.97 6.78
C ASP B 219 2.63 -8.17 5.96
N PHE B 220 2.12 -9.35 6.30
CA PHE B 220 2.33 -10.53 5.47
C PHE B 220 1.63 -10.51 4.10
N LYS B 221 2.35 -10.30 3.02
CA LYS B 221 1.76 -10.34 1.67
C LYS B 221 1.57 -11.79 1.16
N ASN B 222 0.49 -11.94 0.38
CA ASN B 222 -0.04 -13.20 -0.15
C ASN B 222 -0.09 -13.26 -1.65
N ALA B 223 -0.57 -12.17 -2.24
CA ALA B 223 -0.67 -12.05 -3.70
C ALA B 223 0.74 -11.88 -4.25
N TYR B 224 1.05 -12.65 -5.29
CA TYR B 224 2.32 -12.53 -6.01
C TYR B 224 2.20 -12.83 -7.49
N PHE B 225 3.09 -12.19 -8.27
CA PHE B 225 3.31 -12.59 -9.61
C PHE B 225 4.78 -12.97 -9.81
N TYR B 226 5.04 -13.72 -10.87
CA TYR B 226 6.39 -13.77 -11.39
C TYR B 226 6.64 -12.85 -12.60
N ASP B 227 7.67 -12.03 -12.53
CA ASP B 227 8.00 -11.11 -13.63
C ASP B 227 8.66 -11.85 -14.81
N GLU B 228 9.02 -11.02 -15.80
CA GLU B 228 9.83 -11.39 -16.95
C GLU B 228 11.05 -12.27 -16.65
N ASN B 229 11.72 -11.97 -15.54
CA ASN B 229 12.93 -12.70 -15.16
C ASN B 229 12.71 -13.81 -14.15
N ASN B 230 11.45 -14.12 -13.92
CA ASN B 230 11.04 -15.11 -12.91
C ASN B 230 11.37 -14.69 -11.49
N THR B 231 11.46 -13.40 -11.26
CA THR B 231 11.48 -12.86 -9.93
C THR B 231 10.07 -12.81 -9.34
N LYS B 232 9.94 -13.32 -8.11
CA LYS B 232 8.71 -13.27 -7.35
C LYS B 232 8.48 -11.91 -6.73
N VAL B 233 7.31 -11.33 -7.06
CA VAL B 233 6.92 -10.02 -6.53
C VAL B 233 5.62 -10.03 -5.77
N PHE B 234 5.62 -9.67 -4.50
CA PHE B 234 4.37 -9.73 -3.76
C PHE B 234 3.70 -8.37 -3.92
N VAL B 235 2.37 -8.38 -3.79
CA VAL B 235 1.54 -7.24 -4.09
C VAL B 235 0.52 -7.11 -2.96
N LYS B 236 0.30 -5.89 -2.51
CA LYS B 236 -0.88 -5.61 -1.73
C LYS B 236 -1.42 -4.24 -2.07
N ILE B 237 -2.60 -3.94 -1.56
CA ILE B 237 -3.25 -2.69 -1.97
C ILE B 237 -3.63 -1.95 -0.70
N GLU B 238 -3.66 -0.63 -0.84
CA GLU B 238 -4.15 0.16 0.29
C GLU B 238 -5.27 1.06 -0.23
N LEU B 239 -6.38 1.07 0.50
CA LEU B 239 -7.50 1.92 0.19
C LEU B 239 -7.85 2.81 1.39
N SER B 240 -8.25 4.07 1.13
CA SER B 240 -8.51 4.96 2.23
CA SER B 240 -8.47 4.99 2.22
C SER B 240 -9.51 6.04 1.85
N LEU B 241 -10.26 6.50 2.84
CA LEU B 241 -11.20 7.57 2.63
C LEU B 241 -10.52 8.93 2.81
N SER B 242 -9.29 8.91 3.32
CA SER B 242 -8.40 10.08 3.29
C SER B 242 -7.38 9.91 2.16
N GLN B 243 -6.90 11.04 1.63
CA GLN B 243 -5.75 11.08 0.73
C GLN B 243 -4.42 10.93 1.47
N GLU B 244 -4.39 11.46 2.69
CA GLU B 244 -3.14 11.65 3.46
C GLU B 244 -3.20 11.20 4.93
#